data_1YVN
#
_entry.id   1YVN
#
_cell.length_a   176.098
_cell.length_b   68.077
_cell.length_c   54.691
_cell.angle_alpha   90.00
_cell.angle_beta   102.24
_cell.angle_gamma   90.00
#
_symmetry.space_group_name_H-M   'C 1 2 1'
#
loop_
_entity.id
_entity.type
_entity.pdbx_description
1 polymer 'PROTEIN (ACTIN)'
2 polymer 'PROTEIN (GELSOLIN)'
3 non-polymer 'MAGNESIUM ION'
4 non-polymer 'SULFATE ION'
5 non-polymer "ADENOSINE-5'-TRIPHOSPHATE"
6 non-polymer 'CALCIUM ION'
7 water water
#
loop_
_entity_poly.entity_id
_entity_poly.type
_entity_poly.pdbx_seq_one_letter_code
_entity_poly.pdbx_strand_id
1 'polypeptide(L)'
;MDSEVAALVIDNGSGMCKAGFAGDDAPRAVFPSIVGRPRHQGIMVGMGQKDSYVGDEAQSKRGILTLRYPIEHGIVTNWD
DMEKIWHHTFYNELRVAPEEHPVLLTEAPMNPKSNREKMTQIMFETFNVPAFYVSIQAVLSLYSSGRTTGIVLDSGDGNT
HVVPIYAGFSLPHAILRIDLAGRDLTDYLMKILSERGYSFSTTAEREIVRDIKEKLCYVALDFEQEMQTAAQSSSIEKSY
ELPDGQVITIGNERFRAPEALFHPSVLGLESAGIDQTTYNSIMKCDVDVRKELYGNIVMSGGTTMFPGIAERMQKEITAL
APSSMKVKIIAPPERKYSVWIGGSILASLTTFQQMWISKQEYDESGPSIVHHKCF
;
A
2 'polypeptide(L)'
;MVVEHPEFLKAGKEPGLQIWRVEKFDLVPVPTNLYGDFFTGDAYVILKTVQLRNGNLQYDLHYWLGNECSQDESGAAAIF
TVQLDDYLNGRAVQHREVQGFESATFLGYFKSGLKYKKGGVASGF
;
G
#
loop_
_chem_comp.id
_chem_comp.type
_chem_comp.name
_chem_comp.formula
ATP non-polymer ADENOSINE-5'-TRIPHOSPHATE 'C10 H16 N5 O13 P3'
CA non-polymer 'CALCIUM ION' 'Ca 2'
MG non-polymer 'MAGNESIUM ION' 'Mg 2'
SO4 non-polymer 'SULFATE ION' 'O4 S -2'
#
# COMPACT_ATOMS: atom_id res chain seq x y z
N GLU A 4 -7.76 -20.03 -13.02
CA GLU A 4 -6.84 -20.41 -14.13
C GLU A 4 -5.37 -20.15 -13.75
N VAL A 5 -4.74 -19.23 -14.48
CA VAL A 5 -3.34 -18.86 -14.23
C VAL A 5 -3.28 -17.79 -13.13
N ALA A 6 -2.21 -17.76 -12.35
CA ALA A 6 -2.10 -16.75 -11.31
C ALA A 6 -1.57 -15.51 -11.97
N ALA A 7 -2.10 -14.36 -11.60
CA ALA A 7 -1.61 -13.13 -12.15
C ALA A 7 -0.37 -12.84 -11.33
N LEU A 8 0.56 -12.11 -11.91
CA LEU A 8 1.78 -11.74 -11.21
C LEU A 8 1.54 -10.32 -10.70
N VAL A 9 2.03 -10.04 -9.49
CA VAL A 9 1.90 -8.72 -8.86
C VAL A 9 3.26 -8.19 -8.48
N ILE A 10 3.61 -7.02 -9.03
CA ILE A 10 4.90 -6.39 -8.76
C ILE A 10 4.71 -4.94 -8.31
N ASP A 11 5.36 -4.60 -7.20
CA ASP A 11 5.29 -3.25 -6.64
C ASP A 11 6.71 -2.78 -6.72
N ASN A 12 7.00 -1.96 -7.71
CA ASN A 12 8.36 -1.46 -7.89
C ASN A 12 8.63 -0.27 -7.00
N GLY A 13 9.24 -0.52 -5.86
CA GLY A 13 9.59 0.56 -4.96
C GLY A 13 10.90 1.16 -5.45
N SER A 14 11.17 2.42 -5.06
CA SER A 14 12.41 3.09 -5.44
C SER A 14 13.61 2.37 -4.82
N GLY A 15 13.39 1.73 -3.67
CA GLY A 15 14.46 1.02 -2.99
C GLY A 15 14.25 -0.48 -3.01
N MET A 16 13.05 -0.93 -2.69
CA MET A 16 12.75 -2.34 -2.66
C MET A 16 11.62 -2.74 -3.59
N CYS A 17 11.85 -3.79 -4.37
CA CYS A 17 10.84 -4.31 -5.25
C CYS A 17 10.17 -5.51 -4.56
N LYS A 18 8.84 -5.58 -4.64
CA LYS A 18 8.07 -6.65 -4.03
C LYS A 18 7.36 -7.35 -5.17
N ALA A 19 7.61 -8.64 -5.34
CA ALA A 19 7.01 -9.39 -6.42
C ALA A 19 6.47 -10.70 -5.93
N GLY A 20 5.45 -11.21 -6.60
CA GLY A 20 4.87 -12.47 -6.18
C GLY A 20 3.70 -12.81 -7.07
N PHE A 21 2.90 -13.75 -6.57
CA PHE A 21 1.73 -14.25 -7.26
C PHE A 21 0.43 -13.85 -6.57
N ALA A 22 -0.48 -13.26 -7.33
CA ALA A 22 -1.78 -12.86 -6.82
C ALA A 22 -2.38 -14.07 -6.11
N GLY A 23 -2.90 -13.85 -4.91
CA GLY A 23 -3.49 -14.95 -4.16
C GLY A 23 -2.61 -15.34 -3.00
N ASP A 24 -1.35 -14.91 -3.05
CA ASP A 24 -0.40 -15.18 -1.97
C ASP A 24 -0.66 -14.10 -0.91
N ASP A 25 -0.32 -14.37 0.33
CA ASP A 25 -0.55 -13.40 1.40
C ASP A 25 0.59 -12.43 1.58
N ALA A 26 1.70 -12.69 0.89
CA ALA A 26 2.89 -11.85 0.95
C ALA A 26 3.75 -12.04 -0.30
N PRO A 27 4.58 -11.04 -0.63
CA PRO A 27 5.45 -11.16 -1.82
C PRO A 27 6.50 -12.25 -1.62
N ARG A 28 6.70 -13.11 -2.64
CA ARG A 28 7.70 -14.19 -2.56
C ARG A 28 9.09 -13.60 -2.67
N ALA A 29 9.19 -12.56 -3.49
CA ALA A 29 10.48 -11.94 -3.69
C ALA A 29 10.42 -10.48 -3.32
N VAL A 30 11.36 -10.09 -2.49
CA VAL A 30 11.51 -8.73 -2.01
C VAL A 30 13.01 -8.50 -2.10
N PHE A 31 13.42 -7.64 -3.02
CA PHE A 31 14.85 -7.37 -3.20
C PHE A 31 15.08 -5.92 -3.63
N PRO A 32 16.30 -5.40 -3.45
CA PRO A 32 16.59 -4.02 -3.82
C PRO A 32 16.46 -3.77 -5.30
N SER A 33 15.91 -2.60 -5.61
CA SER A 33 15.70 -2.16 -6.98
C SER A 33 17.01 -1.60 -7.53
N ILE A 34 17.98 -2.50 -7.75
CA ILE A 34 19.30 -2.12 -8.24
C ILE A 34 19.68 -2.96 -9.45
N VAL A 35 20.44 -2.36 -10.35
CA VAL A 35 20.93 -3.08 -11.53
C VAL A 35 22.45 -2.89 -11.49
N GLY A 36 23.18 -3.98 -11.47
CA GLY A 36 24.63 -3.89 -11.44
C GLY A 36 25.26 -4.31 -12.76
N ARG A 37 26.28 -3.58 -13.18
CA ARG A 37 26.97 -3.89 -14.42
C ARG A 37 28.47 -3.85 -14.13
N PRO A 38 29.24 -4.76 -14.73
CA PRO A 38 30.68 -4.73 -14.47
C PRO A 38 31.28 -3.45 -15.06
N ARG A 39 32.16 -2.79 -14.30
CA ARG A 39 32.82 -1.57 -14.75
C ARG A 39 33.42 -1.93 -16.12
N HIS A 40 34.08 -3.09 -16.10
CA HIS A 40 34.68 -3.72 -17.27
C HIS A 40 34.56 -5.23 -16.97
N GLN A 41 33.75 -5.92 -17.78
CA GLN A 41 33.49 -7.35 -17.62
C GLN A 41 34.68 -8.31 -17.74
N GLY A 42 34.38 -9.56 -17.38
CA GLY A 42 35.35 -10.65 -17.41
C GLY A 42 34.68 -11.91 -17.93
N ILE A 43 35.18 -13.08 -17.55
CA ILE A 43 34.63 -14.36 -18.02
C ILE A 43 34.55 -15.43 -16.92
N MET A 44 35.63 -15.55 -16.15
CA MET A 44 35.72 -16.54 -15.09
C MET A 44 34.81 -16.24 -13.90
N VAL A 45 34.57 -17.28 -13.09
CA VAL A 45 33.72 -17.20 -11.90
C VAL A 45 34.26 -16.21 -10.87
N GLY A 46 33.53 -15.12 -10.68
CA GLY A 46 33.95 -14.10 -9.73
C GLY A 46 34.81 -13.03 -10.39
N MET A 47 35.07 -13.22 -11.69
CA MET A 47 35.87 -12.28 -12.48
C MET A 47 34.90 -11.33 -13.19
N GLY A 48 33.59 -11.64 -13.05
CA GLY A 48 32.50 -10.86 -13.65
C GLY A 48 32.04 -11.32 -15.03
N GLN A 49 31.51 -12.55 -15.14
CA GLN A 49 31.08 -13.09 -16.43
C GLN A 49 29.83 -12.46 -17.05
N LYS A 50 28.73 -12.46 -16.30
CA LYS A 50 27.48 -11.88 -16.77
C LYS A 50 27.73 -10.43 -17.14
N ASP A 51 26.79 -9.83 -17.85
CA ASP A 51 26.93 -8.44 -18.26
C ASP A 51 25.96 -7.59 -17.43
N SER A 52 25.34 -8.24 -16.46
CA SER A 52 24.41 -7.57 -15.58
C SER A 52 23.89 -8.44 -14.46
N TYR A 53 23.70 -7.77 -13.33
CA TYR A 53 23.19 -8.37 -12.09
C TYR A 53 22.11 -7.45 -11.56
N VAL A 54 21.12 -8.06 -10.90
CA VAL A 54 19.99 -7.35 -10.35
C VAL A 54 19.72 -7.82 -8.95
N GLY A 55 19.30 -6.88 -8.11
CA GLY A 55 18.95 -7.18 -6.73
C GLY A 55 20.07 -7.52 -5.79
N ASP A 56 19.78 -8.47 -4.90
CA ASP A 56 20.70 -8.95 -3.89
C ASP A 56 22.06 -9.31 -4.46
N GLU A 57 22.06 -10.01 -5.60
CA GLU A 57 23.30 -10.41 -6.24
C GLU A 57 24.17 -9.20 -6.59
N ALA A 58 23.55 -8.19 -7.20
CA ALA A 58 24.25 -6.99 -7.59
C ALA A 58 24.87 -6.38 -6.33
N GLN A 59 24.06 -6.31 -5.28
CA GLN A 59 24.51 -5.74 -4.01
C GLN A 59 25.74 -6.48 -3.49
N SER A 60 25.67 -7.81 -3.52
CA SER A 60 26.76 -8.65 -3.05
C SER A 60 28.07 -8.41 -3.78
N LYS A 61 28.00 -8.43 -5.11
CA LYS A 61 29.17 -8.25 -5.97
C LYS A 61 29.44 -6.81 -6.31
N ARG A 62 28.96 -5.88 -5.49
CA ARG A 62 29.18 -4.48 -5.79
C ARG A 62 30.67 -4.15 -5.86
N GLY A 63 31.49 -5.05 -5.34
CA GLY A 63 32.92 -4.84 -5.37
C GLY A 63 33.45 -4.66 -6.79
N ILE A 64 32.76 -5.25 -7.76
CA ILE A 64 33.17 -5.17 -9.16
C ILE A 64 32.13 -4.61 -10.13
N LEU A 65 30.97 -4.21 -9.62
CA LEU A 65 29.93 -3.65 -10.48
C LEU A 65 29.61 -2.23 -10.07
N THR A 66 28.91 -1.50 -10.94
CA THR A 66 28.51 -0.15 -10.58
C THR A 66 27.00 -0.22 -10.49
N LEU A 67 26.48 -0.15 -9.28
CA LEU A 67 25.05 -0.22 -9.07
C LEU A 67 24.29 1.03 -9.54
N ARG A 68 23.13 0.81 -10.14
CA ARG A 68 22.28 1.92 -10.59
C ARG A 68 20.83 1.62 -10.13
N TYR A 69 20.09 2.68 -9.80
CA TYR A 69 18.71 2.61 -9.33
C TYR A 69 17.81 3.27 -10.35
N PRO A 70 17.15 2.48 -11.19
CA PRO A 70 16.26 2.97 -12.25
C PRO A 70 15.04 3.77 -11.77
N ILE A 71 14.70 3.65 -10.50
CA ILE A 71 13.54 4.35 -9.95
C ILE A 71 13.92 5.40 -8.92
N GLU A 72 13.45 6.63 -9.17
CA GLU A 72 13.69 7.76 -8.28
C GLU A 72 12.32 8.34 -7.94
N HIS A 73 11.98 8.29 -6.66
CA HIS A 73 10.70 8.79 -6.19
C HIS A 73 9.49 8.08 -6.81
N GLY A 74 9.64 6.78 -7.11
CA GLY A 74 8.54 6.00 -7.66
C GLY A 74 8.30 6.18 -9.14
N ILE A 75 9.18 6.96 -9.76
CA ILE A 75 9.17 7.30 -11.17
C ILE A 75 10.43 6.66 -11.81
N VAL A 76 10.25 5.98 -12.95
CA VAL A 76 11.33 5.30 -13.68
C VAL A 76 12.15 6.35 -14.41
N THR A 77 13.47 6.37 -14.17
CA THR A 77 14.35 7.34 -14.83
C THR A 77 15.37 6.71 -15.79
N ASN A 78 15.35 5.37 -15.88
CA ASN A 78 16.25 4.66 -16.78
C ASN A 78 15.48 3.42 -17.21
N TRP A 79 14.80 3.56 -18.34
CA TRP A 79 13.97 2.49 -18.86
C TRP A 79 14.70 1.23 -19.28
N ASP A 80 15.96 1.37 -19.69
CA ASP A 80 16.72 0.20 -20.09
C ASP A 80 17.03 -0.66 -18.87
N ASP A 81 17.39 0.00 -17.77
CA ASP A 81 17.69 -0.70 -16.54
C ASP A 81 16.40 -1.23 -15.93
N MET A 82 15.32 -0.49 -16.11
CA MET A 82 14.04 -0.94 -15.57
C MET A 82 13.69 -2.27 -16.20
N GLU A 83 13.72 -2.31 -17.52
CA GLU A 83 13.42 -3.53 -18.25
C GLU A 83 14.24 -4.70 -17.72
N LYS A 84 15.48 -4.41 -17.35
CA LYS A 84 16.39 -5.42 -16.81
C LYS A 84 15.87 -6.02 -15.49
N ILE A 85 15.35 -5.16 -14.62
CA ILE A 85 14.80 -5.60 -13.32
C ILE A 85 13.55 -6.41 -13.54
N TRP A 86 12.76 -6.01 -14.54
CA TRP A 86 11.53 -6.71 -14.83
C TRP A 86 11.87 -8.09 -15.39
N HIS A 87 12.86 -8.15 -16.27
CA HIS A 87 13.29 -9.43 -16.83
C HIS A 87 13.71 -10.35 -15.68
N HIS A 88 14.60 -9.83 -14.85
CA HIS A 88 15.09 -10.58 -13.71
C HIS A 88 13.94 -11.04 -12.83
N THR A 89 12.99 -10.14 -12.59
CA THR A 89 11.86 -10.48 -11.74
C THR A 89 11.07 -11.67 -12.25
N PHE A 90 10.73 -11.66 -13.53
CA PHE A 90 9.95 -12.75 -14.09
C PHE A 90 10.73 -14.06 -14.11
N TYR A 91 11.80 -14.05 -14.88
CA TYR A 91 12.62 -15.22 -15.11
C TYR A 91 13.47 -15.79 -13.99
N ASN A 92 14.04 -14.94 -13.15
CA ASN A 92 14.90 -15.40 -12.06
C ASN A 92 14.24 -15.42 -10.69
N GLU A 93 13.48 -14.37 -10.38
CA GLU A 93 12.82 -14.29 -9.08
C GLU A 93 11.57 -15.15 -8.99
N LEU A 94 10.59 -14.87 -9.84
CA LEU A 94 9.34 -15.64 -9.81
C LEU A 94 9.51 -16.92 -10.63
N ARG A 95 10.46 -16.88 -11.57
CA ARG A 95 10.77 -18.03 -12.43
C ARG A 95 9.60 -18.45 -13.31
N VAL A 96 9.03 -17.49 -14.03
CA VAL A 96 7.91 -17.77 -14.91
C VAL A 96 8.08 -16.96 -16.19
N ALA A 97 7.38 -17.39 -17.24
CA ALA A 97 7.43 -16.69 -18.51
C ALA A 97 6.29 -15.69 -18.42
N PRO A 98 6.58 -14.39 -18.59
CA PRO A 98 5.58 -13.32 -18.52
C PRO A 98 4.40 -13.47 -19.50
N GLU A 99 4.70 -13.86 -20.73
CA GLU A 99 3.68 -14.04 -21.77
C GLU A 99 2.60 -14.99 -21.34
N GLU A 100 2.82 -15.67 -20.22
CA GLU A 100 1.85 -16.64 -19.72
C GLU A 100 1.01 -16.15 -18.54
N HIS A 101 1.22 -14.92 -18.09
CA HIS A 101 0.51 -14.40 -16.94
C HIS A 101 0.10 -12.95 -17.00
N PRO A 102 -1.14 -12.65 -16.56
CA PRO A 102 -1.57 -11.24 -16.56
C PRO A 102 -0.63 -10.61 -15.52
N VAL A 103 -0.23 -9.36 -15.73
CA VAL A 103 0.67 -8.67 -14.82
C VAL A 103 0.09 -7.36 -14.22
N LEU A 104 0.07 -7.29 -12.89
CA LEU A 104 -0.41 -6.10 -12.21
C LEU A 104 0.78 -5.36 -11.64
N LEU A 105 1.01 -4.14 -12.13
CA LEU A 105 2.09 -3.31 -11.63
C LEU A 105 1.50 -2.17 -10.83
N THR A 106 2.33 -1.50 -10.04
CA THR A 106 1.86 -0.37 -9.26
C THR A 106 2.60 0.89 -9.72
N GLU A 107 2.04 2.04 -9.40
CA GLU A 107 2.70 3.28 -9.77
C GLU A 107 2.58 4.25 -8.60
N ALA A 108 3.50 5.21 -8.57
CA ALA A 108 3.49 6.20 -7.53
C ALA A 108 2.50 7.26 -7.92
N PRO A 109 2.03 8.04 -6.95
CA PRO A 109 1.07 9.10 -7.24
C PRO A 109 1.77 10.15 -8.12
N MET A 110 1.00 10.77 -9.01
CA MET A 110 1.56 11.78 -9.90
C MET A 110 2.64 11.20 -10.83
N ASN A 111 2.41 9.99 -11.30
CA ASN A 111 3.34 9.33 -12.23
C ASN A 111 2.94 9.91 -13.59
N PRO A 112 3.90 10.47 -14.33
CA PRO A 112 3.62 11.04 -15.65
C PRO A 112 2.91 10.08 -16.60
N LYS A 113 2.01 10.61 -17.40
CA LYS A 113 1.24 9.81 -18.34
C LYS A 113 2.12 9.12 -19.38
N SER A 114 3.29 9.69 -19.62
CA SER A 114 4.22 9.13 -20.61
C SER A 114 4.90 7.90 -20.05
N ASN A 115 5.25 7.94 -18.77
CA ASN A 115 5.90 6.81 -18.12
C ASN A 115 4.93 5.65 -18.05
N ARG A 116 3.67 5.97 -17.75
CA ARG A 116 2.63 4.96 -17.65
C ARG A 116 2.43 4.24 -18.98
N GLU A 117 2.43 5.02 -20.06
CA GLU A 117 2.26 4.48 -21.40
C GLU A 117 3.49 3.66 -21.83
N LYS A 118 4.68 4.17 -21.48
CA LYS A 118 5.93 3.50 -21.79
C LYS A 118 5.99 2.14 -21.07
N MET A 119 5.55 2.15 -19.81
CA MET A 119 5.51 0.95 -18.98
C MET A 119 4.57 -0.09 -19.62
N THR A 120 3.45 0.40 -20.13
CA THR A 120 2.43 -0.41 -20.78
C THR A 120 2.96 -1.02 -22.08
N GLN A 121 3.69 -0.22 -22.83
CA GLN A 121 4.28 -0.63 -24.10
C GLN A 121 5.26 -1.79 -23.88
N ILE A 122 6.19 -1.62 -22.93
CA ILE A 122 7.18 -2.64 -22.65
C ILE A 122 6.54 -3.94 -22.23
N MET A 123 5.51 -3.87 -21.42
CA MET A 123 4.86 -5.08 -20.93
C MET A 123 4.17 -5.87 -22.04
N PHE A 124 3.53 -5.17 -22.98
CA PHE A 124 2.83 -5.84 -24.07
C PHE A 124 3.75 -6.19 -25.23
N GLU A 125 4.69 -5.29 -25.52
CA GLU A 125 5.60 -5.50 -26.64
C GLU A 125 6.90 -6.23 -26.32
N THR A 126 7.52 -5.93 -25.18
CA THR A 126 8.77 -6.61 -24.85
C THR A 126 8.52 -7.91 -24.13
N PHE A 127 7.70 -7.88 -23.08
CA PHE A 127 7.45 -9.10 -22.31
C PHE A 127 6.23 -9.85 -22.78
N ASN A 128 5.53 -9.30 -23.77
CA ASN A 128 4.33 -9.93 -24.32
C ASN A 128 3.29 -10.46 -23.33
N VAL A 129 3.02 -9.73 -22.26
CA VAL A 129 2.02 -10.19 -21.31
C VAL A 129 0.66 -10.29 -22.00
N PRO A 130 -0.19 -11.23 -21.55
CA PRO A 130 -1.53 -11.44 -22.12
C PRO A 130 -2.57 -10.46 -21.58
N ALA A 131 -2.29 -9.92 -20.40
CA ALA A 131 -3.20 -8.99 -19.72
C ALA A 131 -2.34 -8.11 -18.86
N PHE A 132 -2.76 -6.86 -18.68
CA PHE A 132 -1.99 -5.91 -17.92
C PHE A 132 -2.89 -4.92 -17.17
N TYR A 133 -2.37 -4.42 -16.05
CA TYR A 133 -3.05 -3.45 -15.22
C TYR A 133 -2.02 -2.69 -14.40
N VAL A 134 -2.31 -1.42 -14.14
CA VAL A 134 -1.46 -0.55 -13.31
C VAL A 134 -2.38 0.00 -12.21
N SER A 135 -1.93 -0.05 -10.95
CA SER A 135 -2.71 0.46 -9.83
C SER A 135 -1.92 1.46 -9.01
N ILE A 136 -2.59 2.48 -8.51
CA ILE A 136 -1.97 3.49 -7.66
C ILE A 136 -1.67 2.81 -6.33
N GLN A 137 -0.43 2.93 -5.86
CA GLN A 137 0.00 2.32 -4.61
C GLN A 137 -0.87 2.61 -3.38
N ALA A 138 -1.12 3.89 -3.10
CA ALA A 138 -1.93 4.29 -1.94
C ALA A 138 -3.26 3.58 -1.88
N VAL A 139 -3.89 3.42 -3.04
CA VAL A 139 -5.17 2.77 -3.08
C VAL A 139 -5.11 1.29 -2.75
N LEU A 140 -4.05 0.62 -3.19
CA LEU A 140 -3.93 -0.80 -2.88
C LEU A 140 -3.76 -0.93 -1.38
N SER A 141 -2.97 -0.04 -0.78
CA SER A 141 -2.80 -0.08 0.67
C SER A 141 -4.15 0.13 1.39
N LEU A 142 -4.99 1.04 0.90
CA LEU A 142 -6.29 1.28 1.55
C LEU A 142 -7.15 0.03 1.48
N TYR A 143 -7.22 -0.59 0.32
CA TYR A 143 -8.03 -1.80 0.17
C TYR A 143 -7.55 -2.88 1.12
N SER A 144 -6.22 -3.03 1.23
CA SER A 144 -5.66 -4.06 2.09
C SER A 144 -6.01 -3.82 3.53
N SER A 145 -6.34 -2.58 3.88
CA SER A 145 -6.72 -2.23 5.24
C SER A 145 -8.22 -2.41 5.46
N GLY A 146 -8.92 -2.90 4.43
CA GLY A 146 -10.35 -3.13 4.54
C GLY A 146 -11.25 -1.89 4.50
N ARG A 147 -10.86 -0.88 3.73
CA ARG A 147 -11.64 0.36 3.63
C ARG A 147 -11.70 0.84 2.19
N THR A 148 -12.71 1.66 1.89
CA THR A 148 -12.88 2.28 0.58
C THR A 148 -12.62 3.80 0.72
N THR A 149 -12.63 4.31 1.95
CA THR A 149 -12.38 5.72 2.21
C THR A 149 -11.33 5.88 3.32
N GLY A 150 -10.40 6.82 3.10
CA GLY A 150 -9.35 7.11 4.06
C GLY A 150 -8.27 7.97 3.42
N ILE A 151 -7.30 8.39 4.21
CA ILE A 151 -6.21 9.17 3.66
C ILE A 151 -4.96 8.34 3.98
N VAL A 152 -4.25 7.94 2.92
CA VAL A 152 -3.07 7.10 3.07
C VAL A 152 -1.78 7.87 3.09
N LEU A 153 -0.98 7.64 4.13
CA LEU A 153 0.34 8.24 4.27
C LEU A 153 1.30 7.11 3.89
N ASP A 154 1.88 7.23 2.70
CA ASP A 154 2.82 6.22 2.17
C ASP A 154 4.25 6.76 2.18
N SER A 155 5.05 6.31 3.14
CA SER A 155 6.44 6.73 3.25
C SER A 155 7.35 5.55 2.99
N GLY A 156 8.04 5.58 1.86
CA GLY A 156 8.95 4.50 1.53
C GLY A 156 10.40 4.91 1.57
N ASP A 157 11.13 4.62 0.49
CA ASP A 157 12.56 4.93 0.38
C ASP A 157 12.77 6.25 -0.35
N GLY A 158 11.97 6.50 -1.38
CA GLY A 158 12.10 7.71 -2.15
C GLY A 158 11.10 8.82 -1.94
N ASN A 159 9.83 8.49 -1.76
CA ASN A 159 8.82 9.52 -1.60
C ASN A 159 7.77 9.28 -0.53
N THR A 160 7.42 10.35 0.19
CA THR A 160 6.37 10.32 1.20
C THR A 160 5.21 11.12 0.62
N HIS A 161 4.09 10.43 0.40
CA HIS A 161 2.87 11.07 -0.14
C HIS A 161 1.72 10.85 0.80
N VAL A 162 0.74 11.75 0.75
CA VAL A 162 -0.47 11.63 1.54
C VAL A 162 -1.48 11.64 0.42
N VAL A 163 -2.31 10.58 0.37
CA VAL A 163 -3.28 10.42 -0.71
C VAL A 163 -4.68 10.20 -0.16
N PRO A 164 -5.56 11.21 -0.29
CA PRO A 164 -6.94 11.14 0.20
C PRO A 164 -7.73 10.33 -0.80
N ILE A 165 -8.53 9.40 -0.30
CA ILE A 165 -9.33 8.55 -1.16
C ILE A 165 -10.73 8.49 -0.62
N TYR A 166 -11.70 8.81 -1.48
CA TYR A 166 -13.09 8.76 -1.08
C TYR A 166 -13.85 7.72 -1.90
N ALA A 167 -14.52 6.81 -1.21
CA ALA A 167 -15.32 5.77 -1.84
C ALA A 167 -14.61 5.07 -2.99
N GLY A 168 -13.31 4.83 -2.81
CA GLY A 168 -12.55 4.12 -3.82
C GLY A 168 -11.72 4.93 -4.78
N PHE A 169 -11.97 6.23 -4.83
CA PHE A 169 -11.24 7.08 -5.74
C PHE A 169 -10.40 8.07 -4.99
N SER A 170 -9.15 8.17 -5.39
CA SER A 170 -8.26 9.12 -4.76
C SER A 170 -8.64 10.51 -5.29
N LEU A 171 -8.32 11.54 -4.52
CA LEU A 171 -8.62 12.92 -4.89
C LEU A 171 -7.27 13.53 -5.23
N PRO A 172 -6.91 13.51 -6.52
CA PRO A 172 -5.64 14.05 -7.02
C PRO A 172 -5.32 15.48 -6.60
N HIS A 173 -6.34 16.33 -6.61
CA HIS A 173 -6.18 17.74 -6.23
C HIS A 173 -5.66 17.91 -4.80
N ALA A 174 -5.92 16.93 -3.93
CA ALA A 174 -5.50 17.01 -2.53
C ALA A 174 -4.25 16.20 -2.18
N ILE A 175 -3.68 15.52 -3.18
CA ILE A 175 -2.51 14.70 -2.94
C ILE A 175 -1.30 15.58 -2.70
N LEU A 176 -0.63 15.35 -1.57
CA LEU A 176 0.55 16.13 -1.23
C LEU A 176 1.74 15.21 -1.00
N ARG A 177 2.91 15.75 -1.27
CA ARG A 177 4.16 15.02 -1.17
C ARG A 177 5.09 15.70 -0.16
N ILE A 178 5.87 14.90 0.57
CA ILE A 178 6.85 15.43 1.50
C ILE A 178 8.14 14.89 0.92
N ASP A 179 9.06 15.78 0.55
CA ASP A 179 10.30 15.37 -0.09
C ASP A 179 11.44 14.88 0.78
N LEU A 180 11.11 13.93 1.64
CA LEU A 180 12.08 13.28 2.49
C LEU A 180 11.46 11.91 2.74
N ALA A 181 12.30 10.88 2.76
CA ALA A 181 11.83 9.52 2.98
C ALA A 181 12.92 8.68 3.64
N GLY A 182 12.75 7.37 3.53
CA GLY A 182 13.68 6.43 4.14
C GLY A 182 15.15 6.62 3.93
N ARG A 183 15.58 6.88 2.70
CA ARG A 183 17.00 7.04 2.45
C ARG A 183 17.55 8.26 3.16
N ASP A 184 16.74 9.30 3.24
CA ASP A 184 17.13 10.54 3.89
C ASP A 184 17.33 10.32 5.39
N LEU A 185 16.46 9.52 5.98
CA LEU A 185 16.57 9.24 7.41
C LEU A 185 17.84 8.43 7.71
N THR A 186 18.15 7.48 6.82
CA THR A 186 19.33 6.64 6.99
C THR A 186 20.56 7.53 6.93
N ASP A 187 20.56 8.48 6.00
CA ASP A 187 21.68 9.40 5.82
C ASP A 187 21.82 10.36 7.00
N TYR A 188 20.68 10.77 7.57
CA TYR A 188 20.66 11.68 8.70
C TYR A 188 21.16 10.97 9.96
N LEU A 189 20.70 9.74 10.15
CA LEU A 189 21.12 8.94 11.30
C LEU A 189 22.62 8.64 11.23
N MET A 190 23.13 8.51 10.02
CA MET A 190 24.54 8.22 9.79
C MET A 190 25.34 9.44 10.24
N LYS A 191 24.71 10.60 10.13
CA LYS A 191 25.32 11.88 10.49
C LYS A 191 25.43 12.01 12.00
N ILE A 192 24.28 12.18 12.66
CA ILE A 192 24.26 12.31 14.11
C ILE A 192 25.03 11.19 14.81
N LEU A 193 25.22 10.07 14.11
CA LEU A 193 25.96 8.96 14.67
C LEU A 193 27.44 9.25 14.56
N SER A 194 27.81 10.09 13.59
CA SER A 194 29.19 10.47 13.34
C SER A 194 29.59 11.57 14.30
N GLU A 195 28.59 12.27 14.82
CA GLU A 195 28.78 13.35 15.78
C GLU A 195 29.02 12.74 17.15
N ARG A 196 28.49 11.54 17.37
CA ARG A 196 28.65 10.81 18.62
C ARG A 196 30.09 10.33 18.70
N GLY A 197 30.77 10.38 17.55
CA GLY A 197 32.17 9.95 17.47
C GLY A 197 32.38 8.64 16.75
N TYR A 198 31.68 8.48 15.62
CA TYR A 198 31.79 7.28 14.81
C TYR A 198 32.02 7.60 13.39
N SER A 199 32.06 6.54 12.62
CA SER A 199 32.22 6.72 11.22
C SER A 199 31.61 5.56 10.52
N PHE A 200 30.65 5.96 9.69
CA PHE A 200 29.89 5.09 8.85
C PHE A 200 29.89 5.91 7.56
N SER A 201 30.59 5.43 6.55
CA SER A 201 30.68 6.13 5.27
C SER A 201 30.64 5.21 4.06
N THR A 202 31.03 3.95 4.25
CA THR A 202 31.01 3.00 3.13
C THR A 202 29.59 2.45 3.00
N THR A 203 29.40 1.58 2.02
CA THR A 203 28.10 0.96 1.77
C THR A 203 27.76 0.00 2.90
N ALA A 204 28.74 -0.78 3.31
CA ALA A 204 28.56 -1.75 4.39
C ALA A 204 28.23 -1.02 5.70
N GLU A 205 28.91 0.09 5.92
CA GLU A 205 28.72 0.89 7.13
C GLU A 205 27.34 1.55 7.13
N ARG A 206 26.91 2.01 5.96
CA ARG A 206 25.61 2.66 5.83
C ARG A 206 24.49 1.63 6.06
N GLU A 207 24.77 0.38 5.75
CA GLU A 207 23.80 -0.69 5.96
C GLU A 207 23.67 -0.95 7.45
N ILE A 208 24.75 -0.67 8.19
CA ILE A 208 24.76 -0.85 9.63
C ILE A 208 23.81 0.19 10.20
N VAL A 209 23.96 1.41 9.72
CA VAL A 209 23.11 2.53 10.14
C VAL A 209 21.64 2.23 9.78
N ARG A 210 21.43 1.68 8.60
CA ARG A 210 20.08 1.33 8.15
C ARG A 210 19.52 0.33 9.14
N ASP A 211 20.34 -0.63 9.52
CA ASP A 211 19.92 -1.65 10.47
C ASP A 211 19.65 -1.03 11.84
N ILE A 212 20.50 -0.10 12.25
CA ILE A 212 20.33 0.57 13.52
C ILE A 212 19.01 1.33 13.48
N LYS A 213 18.77 1.97 12.34
CA LYS A 213 17.56 2.74 12.10
C LYS A 213 16.32 1.87 12.20
N GLU A 214 16.35 0.73 11.52
CA GLU A 214 15.21 -0.17 11.51
C GLU A 214 15.06 -1.00 12.77
N LYS A 215 16.08 -1.01 13.63
CA LYS A 215 16.02 -1.84 14.84
C LYS A 215 15.91 -1.12 16.18
N LEU A 216 16.52 0.05 16.29
CA LEU A 216 16.51 0.76 17.56
C LEU A 216 15.82 2.13 17.55
N CYS A 217 15.67 2.75 16.38
CA CYS A 217 15.02 4.06 16.31
C CYS A 217 13.54 3.95 16.69
N TYR A 218 12.98 5.07 17.15
CA TYR A 218 11.56 5.16 17.51
C TYR A 218 11.16 6.62 17.40
N VAL A 219 9.87 6.89 17.48
CA VAL A 219 9.39 8.27 17.42
C VAL A 219 8.94 8.69 18.82
N ALA A 220 9.49 9.79 19.32
CA ALA A 220 9.13 10.29 20.65
C ALA A 220 7.71 10.93 20.71
N LEU A 221 6.89 10.51 21.67
CA LEU A 221 5.54 11.06 21.78
C LEU A 221 5.64 12.57 22.02
N ASP A 222 6.58 12.93 22.87
CA ASP A 222 6.85 14.33 23.21
C ASP A 222 8.36 14.42 23.05
N PHE A 223 8.80 15.07 21.98
CA PHE A 223 10.22 15.20 21.71
C PHE A 223 11.03 15.77 22.86
N GLU A 224 10.42 16.63 23.67
CA GLU A 224 11.13 17.23 24.79
C GLU A 224 11.33 16.24 25.94
N GLN A 225 10.21 15.72 26.45
CA GLN A 225 10.25 14.77 27.55
C GLN A 225 11.30 13.68 27.34
N GLU A 226 11.50 13.29 26.07
CA GLU A 226 12.47 12.24 25.72
C GLU A 226 13.92 12.71 25.68
N MET A 227 14.13 13.86 25.04
CA MET A 227 15.45 14.45 24.91
C MET A 227 16.16 14.59 26.25
N GLN A 228 15.41 15.07 27.25
CA GLN A 228 15.94 15.26 28.57
C GLN A 228 15.98 13.92 29.31
N THR A 229 15.07 13.01 28.93
CA THR A 229 15.03 11.68 29.52
C THR A 229 16.30 10.93 29.16
N ALA A 230 16.83 11.22 27.98
CA ALA A 230 18.05 10.60 27.50
C ALA A 230 19.24 11.36 28.06
N ALA A 231 19.02 12.63 28.37
CA ALA A 231 20.05 13.51 28.91
C ALA A 231 20.39 13.17 30.36
N GLN A 232 19.40 12.68 31.10
CA GLN A 232 19.60 12.32 32.50
C GLN A 232 19.88 10.85 32.62
N SER A 233 18.78 10.10 32.74
CA SER A 233 18.86 8.66 32.88
C SER A 233 19.38 8.04 31.63
N SER A 234 20.10 6.95 31.78
CA SER A 234 20.61 6.31 30.62
C SER A 234 19.73 5.10 30.39
N SER A 235 18.42 5.35 30.51
CA SER A 235 17.32 4.38 30.35
C SER A 235 16.89 4.19 28.88
N ILE A 236 17.13 5.23 28.08
CA ILE A 236 16.79 5.26 26.66
C ILE A 236 17.89 4.56 25.86
N GLU A 237 19.06 4.46 26.47
CA GLU A 237 20.22 3.83 25.84
C GLU A 237 20.00 2.42 25.36
N LYS A 238 20.69 2.10 24.27
CA LYS A 238 20.65 0.78 23.67
C LYS A 238 22.03 0.48 23.12
N SER A 239 22.47 -0.75 23.31
CA SER A 239 23.76 -1.19 22.84
C SER A 239 23.57 -1.92 21.54
N TYR A 240 24.48 -1.67 20.60
CA TYR A 240 24.43 -2.29 19.29
C TYR A 240 25.72 -3.05 18.99
N GLU A 241 25.60 -4.36 18.75
CA GLU A 241 26.76 -5.17 18.44
C GLU A 241 27.08 -5.07 16.95
N LEU A 242 28.31 -4.67 16.63
CA LEU A 242 28.74 -4.51 15.24
C LEU A 242 29.34 -5.76 14.59
N PRO A 243 29.70 -5.67 13.29
CA PRO A 243 30.29 -6.82 12.61
C PRO A 243 31.58 -7.23 13.30
N ASP A 244 32.48 -6.25 13.52
CA ASP A 244 33.75 -6.54 14.18
C ASP A 244 33.52 -7.06 15.58
N GLY A 245 32.25 -7.15 15.97
CA GLY A 245 31.91 -7.67 17.29
C GLY A 245 31.71 -6.64 18.38
N GLN A 246 32.58 -5.63 18.41
CA GLN A 246 32.48 -4.60 19.43
C GLN A 246 31.07 -4.00 19.52
N VAL A 247 30.64 -3.76 20.75
CA VAL A 247 29.34 -3.17 21.02
C VAL A 247 29.45 -1.65 21.12
N ILE A 248 28.41 -0.96 20.67
CA ILE A 248 28.36 0.49 20.75
C ILE A 248 26.97 0.85 21.27
N THR A 249 26.87 1.99 21.95
CA THR A 249 25.59 2.39 22.51
C THR A 249 24.95 3.57 21.78
N ILE A 250 23.65 3.44 21.51
CA ILE A 250 22.88 4.47 20.83
C ILE A 250 22.01 5.20 21.85
N GLY A 251 22.07 6.53 21.81
CA GLY A 251 21.30 7.34 22.74
C GLY A 251 20.02 7.92 22.17
N ASN A 252 19.95 9.24 22.11
CA ASN A 252 18.77 9.91 21.62
C ASN A 252 18.78 9.98 20.10
N GLU A 253 19.83 9.43 19.50
CA GLU A 253 19.90 9.43 18.04
C GLU A 253 18.72 8.59 17.56
N ARG A 254 18.28 7.66 18.40
CA ARG A 254 17.16 6.78 18.07
C ARG A 254 15.86 7.50 17.76
N PHE A 255 15.53 8.53 18.53
CA PHE A 255 14.28 9.25 18.30
C PHE A 255 14.49 10.56 17.58
N ARG A 256 15.74 10.98 17.46
CA ARG A 256 16.04 12.23 16.78
C ARG A 256 16.08 12.08 15.26
N ALA A 257 16.40 10.87 14.80
CA ALA A 257 16.47 10.61 13.37
C ALA A 257 15.06 10.60 12.75
N PRO A 258 14.14 9.80 13.30
CA PRO A 258 12.78 9.76 12.77
C PRO A 258 11.98 11.06 13.03
N GLU A 259 12.50 11.90 13.92
CA GLU A 259 11.85 13.15 14.25
C GLU A 259 11.82 14.09 13.06
N ALA A 260 12.75 13.88 12.13
CA ALA A 260 12.84 14.68 10.91
C ALA A 260 11.56 14.53 10.09
N LEU A 261 10.82 13.45 10.33
CA LEU A 261 9.56 13.22 9.59
C LEU A 261 8.52 14.24 10.01
N PHE A 262 8.61 14.69 11.26
CA PHE A 262 7.65 15.65 11.79
C PHE A 262 8.18 17.08 11.63
N HIS A 263 9.51 17.21 11.61
CA HIS A 263 10.16 18.51 11.43
C HIS A 263 11.29 18.32 10.42
N PRO A 264 10.97 18.42 9.13
CA PRO A 264 11.94 18.28 8.05
C PRO A 264 13.06 19.32 8.07
N SER A 265 12.84 20.43 8.77
CA SER A 265 13.83 21.48 8.86
C SER A 265 15.17 20.93 9.39
N VAL A 266 15.11 19.86 10.18
CA VAL A 266 16.32 19.27 10.74
C VAL A 266 17.24 18.76 9.65
N LEU A 267 16.69 18.52 8.46
CA LEU A 267 17.48 18.06 7.33
C LEU A 267 17.66 19.26 6.41
N GLY A 268 17.59 20.46 6.99
CA GLY A 268 17.73 21.68 6.21
C GLY A 268 16.65 21.80 5.14
N LEU A 269 15.60 21.00 5.30
CA LEU A 269 14.49 20.99 4.35
C LEU A 269 13.36 21.90 4.80
N GLU A 270 12.88 22.72 3.87
CA GLU A 270 11.79 23.63 4.16
C GLU A 270 10.55 22.99 3.54
N SER A 271 9.90 22.12 4.31
CA SER A 271 8.69 21.41 3.89
C SER A 271 7.95 21.11 5.17
N ALA A 272 6.65 20.89 5.08
CA ALA A 272 5.88 20.58 6.28
C ALA A 272 6.14 19.11 6.66
N GLY A 273 5.94 18.78 7.94
CA GLY A 273 6.16 17.41 8.39
C GLY A 273 4.99 16.52 8.01
N ILE A 274 5.07 15.22 8.30
CA ILE A 274 3.99 14.31 7.96
C ILE A 274 2.65 14.63 8.66
N ASP A 275 2.70 15.11 9.89
CA ASP A 275 1.46 15.42 10.59
C ASP A 275 0.77 16.64 9.98
N GLN A 276 1.53 17.72 9.79
CA GLN A 276 0.98 18.93 9.23
C GLN A 276 0.50 18.70 7.78
N THR A 277 1.24 17.90 7.03
CA THR A 277 0.88 17.62 5.64
C THR A 277 -0.39 16.82 5.52
N THR A 278 -0.62 15.92 6.47
CA THR A 278 -1.86 15.12 6.45
C THR A 278 -3.04 16.05 6.67
N TYR A 279 -2.88 16.96 7.62
CA TYR A 279 -3.93 17.92 7.93
C TYR A 279 -4.17 18.84 6.72
N ASN A 280 -3.09 19.30 6.08
CA ASN A 280 -3.22 20.19 4.92
C ASN A 280 -3.98 19.49 3.77
N SER A 281 -3.68 18.21 3.56
CA SER A 281 -4.32 17.44 2.50
C SER A 281 -5.81 17.31 2.79
N ILE A 282 -6.13 16.94 4.03
CA ILE A 282 -7.51 16.79 4.44
C ILE A 282 -8.24 18.11 4.22
N MET A 283 -7.57 19.23 4.49
CA MET A 283 -8.21 20.52 4.33
C MET A 283 -8.49 20.84 2.87
N LYS A 284 -7.72 20.22 1.96
CA LYS A 284 -7.91 20.45 0.55
C LYS A 284 -9.06 19.61 0.03
N CYS A 285 -9.67 18.83 0.91
CA CYS A 285 -10.78 18.01 0.50
C CYS A 285 -12.11 18.62 0.92
N ASP A 286 -13.17 18.21 0.25
CA ASP A 286 -14.51 18.68 0.56
C ASP A 286 -14.87 18.38 2.02
N VAL A 287 -15.51 19.36 2.64
CA VAL A 287 -15.99 19.29 4.03
C VAL A 287 -16.59 17.95 4.43
N ASP A 288 -17.49 17.45 3.58
CA ASP A 288 -18.18 16.19 3.84
C ASP A 288 -17.28 14.96 4.02
N VAL A 289 -16.16 14.92 3.32
CA VAL A 289 -15.24 13.79 3.41
C VAL A 289 -14.19 13.88 4.51
N ARG A 290 -13.90 15.09 4.96
CA ARG A 290 -12.91 15.33 6.00
C ARG A 290 -13.08 14.49 7.25
N LYS A 291 -14.32 14.28 7.65
CA LYS A 291 -14.58 13.52 8.86
C LYS A 291 -14.07 12.10 8.79
N GLU A 292 -14.34 11.42 7.67
CA GLU A 292 -13.89 10.04 7.51
C GLU A 292 -12.38 9.95 7.39
N LEU A 293 -11.82 10.91 6.66
CA LEU A 293 -10.38 10.95 6.45
C LEU A 293 -9.71 10.98 7.81
N TYR A 294 -10.25 11.83 8.69
CA TYR A 294 -9.72 12.01 10.04
C TYR A 294 -9.82 10.73 10.85
N GLY A 295 -10.88 9.97 10.58
CA GLY A 295 -11.04 8.71 11.28
C GLY A 295 -10.45 7.51 10.56
N ASN A 296 -9.79 7.76 9.42
CA ASN A 296 -9.22 6.69 8.62
C ASN A 296 -7.86 7.05 8.02
N ILE A 297 -6.92 7.44 8.89
CA ILE A 297 -5.58 7.82 8.48
C ILE A 297 -4.76 6.52 8.53
N VAL A 298 -4.51 5.98 7.32
CA VAL A 298 -3.79 4.71 7.13
C VAL A 298 -2.33 4.93 6.80
N MET A 299 -1.47 4.20 7.51
CA MET A 299 -0.02 4.29 7.27
C MET A 299 0.44 3.07 6.48
N SER A 300 1.31 3.32 5.50
CA SER A 300 1.88 2.25 4.70
C SER A 300 3.32 2.60 4.33
N GLY A 301 4.12 1.57 4.06
CA GLY A 301 5.51 1.80 3.69
C GLY A 301 6.45 1.49 4.84
N GLY A 302 7.71 1.26 4.50
CA GLY A 302 8.70 0.95 5.50
C GLY A 302 9.08 2.06 6.46
N THR A 303 9.08 3.30 5.99
CA THR A 303 9.44 4.42 6.84
C THR A 303 8.37 4.78 7.86
N THR A 304 7.19 4.16 7.76
CA THR A 304 6.11 4.41 8.72
C THR A 304 6.12 3.30 9.77
N MET A 305 7.19 2.50 9.74
CA MET A 305 7.35 1.36 10.66
C MET A 305 7.95 1.76 12.01
N PHE A 306 8.39 3.01 12.12
CA PHE A 306 8.98 3.49 13.36
C PHE A 306 8.03 3.34 14.54
N PRO A 307 8.45 2.57 15.57
CA PRO A 307 7.59 2.40 16.75
C PRO A 307 7.29 3.75 17.38
N GLY A 308 6.03 3.97 17.71
CA GLY A 308 5.62 5.24 18.32
C GLY A 308 5.12 6.27 17.32
N ILE A 309 5.21 5.95 16.02
CA ILE A 309 4.82 6.87 14.96
C ILE A 309 3.30 7.07 14.96
N ALA A 310 2.57 5.98 15.15
CA ALA A 310 1.11 6.01 15.16
C ALA A 310 0.60 6.82 16.38
N GLU A 311 1.24 6.56 17.52
CA GLU A 311 0.93 7.21 18.78
C GLU A 311 1.11 8.73 18.68
N ARG A 312 2.22 9.13 18.07
CA ARG A 312 2.53 10.55 17.87
C ARG A 312 1.67 11.25 16.80
N MET A 313 1.28 10.51 15.75
CA MET A 313 0.45 11.07 14.68
C MET A 313 -0.94 11.37 15.25
N GLN A 314 -1.41 10.44 16.08
CA GLN A 314 -2.71 10.57 16.74
C GLN A 314 -2.78 11.89 17.50
N LYS A 315 -1.77 12.08 18.36
CA LYS A 315 -1.66 13.26 19.20
C LYS A 315 -1.57 14.53 18.38
N GLU A 316 -0.65 14.55 17.43
CA GLU A 316 -0.45 15.72 16.60
C GLU A 316 -1.66 16.10 15.76
N ILE A 317 -2.34 15.10 15.21
CA ILE A 317 -3.51 15.30 14.38
C ILE A 317 -4.77 15.70 15.17
N THR A 318 -4.96 15.12 16.36
CA THR A 318 -6.15 15.48 17.14
C THR A 318 -6.01 16.95 17.53
N ALA A 319 -4.77 17.40 17.68
CA ALA A 319 -4.44 18.79 18.03
C ALA A 319 -4.79 19.76 16.91
N LEU A 320 -4.79 19.28 15.67
CA LEU A 320 -5.11 20.10 14.51
C LEU A 320 -6.57 20.03 14.11
N ALA A 321 -7.17 18.85 14.29
CA ALA A 321 -8.56 18.62 13.95
C ALA A 321 -9.53 19.28 14.92
N PRO A 322 -10.76 19.53 14.47
CA PRO A 322 -11.74 20.14 15.39
C PRO A 322 -11.89 19.22 16.62
N SER A 323 -12.17 19.81 17.77
CA SER A 323 -12.35 19.06 19.01
C SER A 323 -13.34 17.92 18.84
N SER A 324 -14.44 18.22 18.15
CA SER A 324 -15.51 17.28 17.88
C SER A 324 -15.11 16.13 16.95
N MET A 325 -13.90 16.22 16.40
CA MET A 325 -13.41 15.20 15.46
C MET A 325 -12.83 13.94 16.05
N LYS A 326 -13.24 12.82 15.47
CA LYS A 326 -12.75 11.49 15.86
C LYS A 326 -11.56 11.16 14.97
N VAL A 327 -10.37 11.29 15.53
CA VAL A 327 -9.12 11.02 14.83
C VAL A 327 -8.64 9.60 15.12
N LYS A 328 -8.39 8.84 14.05
CA LYS A 328 -7.90 7.47 14.19
C LYS A 328 -6.81 7.17 13.15
N ILE A 329 -5.68 6.68 13.66
CA ILE A 329 -4.51 6.31 12.86
C ILE A 329 -4.45 4.79 12.77
N ILE A 330 -4.35 4.29 11.53
CA ILE A 330 -4.28 2.84 11.26
C ILE A 330 -2.92 2.48 10.64
N ALA A 331 -2.08 1.81 11.43
CA ALA A 331 -0.76 1.37 11.02
C ALA A 331 -0.67 -0.15 11.21
N PRO A 332 -1.15 -0.92 10.22
CA PRO A 332 -1.12 -2.39 10.31
C PRO A 332 0.33 -2.84 10.44
N PRO A 333 0.57 -3.95 11.15
CA PRO A 333 1.92 -4.48 11.36
C PRO A 333 2.65 -4.81 10.04
N GLU A 334 1.89 -5.23 9.04
CA GLU A 334 2.42 -5.58 7.75
C GLU A 334 2.41 -4.46 6.71
N ARG A 335 2.50 -3.20 7.14
CA ARG A 335 2.42 -2.09 6.20
C ARG A 335 3.58 -1.98 5.22
N LYS A 336 4.59 -2.82 5.42
CA LYS A 336 5.74 -2.82 4.52
C LYS A 336 5.34 -3.52 3.20
N TYR A 337 4.26 -4.28 3.24
CA TYR A 337 3.78 -5.03 2.08
C TYR A 337 2.31 -4.71 1.80
N SER A 338 1.81 -3.65 2.45
CA SER A 338 0.42 -3.22 2.26
C SER A 338 0.07 -3.07 0.78
N VAL A 339 0.92 -2.34 0.06
CA VAL A 339 0.70 -2.11 -1.38
C VAL A 339 0.62 -3.47 -2.09
N TRP A 340 1.65 -4.29 -1.92
CA TRP A 340 1.66 -5.59 -2.59
C TRP A 340 0.43 -6.42 -2.23
N ILE A 341 0.14 -6.54 -0.95
CA ILE A 341 -1.02 -7.33 -0.53
C ILE A 341 -2.32 -6.85 -1.18
N GLY A 342 -2.51 -5.53 -1.25
CA GLY A 342 -3.72 -5.01 -1.85
C GLY A 342 -3.81 -5.50 -3.28
N GLY A 343 -2.68 -5.53 -3.97
CA GLY A 343 -2.67 -6.01 -5.36
C GLY A 343 -2.97 -7.49 -5.47
N SER A 344 -2.43 -8.27 -4.55
CA SER A 344 -2.70 -9.71 -4.56
C SER A 344 -4.21 -9.97 -4.39
N ILE A 345 -4.85 -9.22 -3.51
CA ILE A 345 -6.29 -9.40 -3.32
C ILE A 345 -7.02 -8.97 -4.60
N LEU A 346 -6.79 -7.72 -5.00
CA LEU A 346 -7.42 -7.19 -6.20
C LEU A 346 -7.35 -8.10 -7.42
N ALA A 347 -6.14 -8.54 -7.74
CA ALA A 347 -5.92 -9.37 -8.91
C ALA A 347 -6.51 -10.78 -8.82
N SER A 348 -6.87 -11.24 -7.62
CA SER A 348 -7.45 -12.57 -7.47
C SER A 348 -8.98 -12.58 -7.52
N LEU A 349 -9.62 -11.41 -7.41
CA LEU A 349 -11.07 -11.35 -7.41
C LEU A 349 -11.71 -11.80 -8.73
N THR A 350 -12.71 -12.67 -8.63
CA THR A 350 -13.41 -13.13 -9.83
C THR A 350 -13.84 -11.96 -10.73
N THR A 351 -14.28 -10.87 -10.09
CA THR A 351 -14.76 -9.64 -10.73
C THR A 351 -13.69 -8.86 -11.49
N PHE A 352 -12.43 -9.00 -11.07
CA PHE A 352 -11.33 -8.29 -11.71
C PHE A 352 -10.94 -8.85 -13.08
N GLN A 353 -11.31 -10.08 -13.33
CA GLN A 353 -10.93 -10.71 -14.56
C GLN A 353 -11.35 -10.01 -15.85
N GLN A 354 -12.30 -9.09 -15.79
CA GLN A 354 -12.75 -8.36 -16.96
C GLN A 354 -12.06 -6.99 -16.99
N MET A 355 -11.34 -6.67 -15.90
CA MET A 355 -10.66 -5.39 -15.75
C MET A 355 -9.34 -5.24 -16.47
N TRP A 356 -8.67 -6.36 -16.72
CA TRP A 356 -7.40 -6.35 -17.40
C TRP A 356 -7.42 -5.73 -18.79
N ILE A 357 -6.33 -5.06 -19.14
CA ILE A 357 -6.18 -4.51 -20.46
C ILE A 357 -5.72 -5.74 -21.24
N SER A 358 -6.46 -6.13 -22.27
CA SER A 358 -6.12 -7.30 -23.08
C SER A 358 -5.05 -6.96 -24.11
N LYS A 359 -4.33 -7.99 -24.56
CA LYS A 359 -3.31 -7.81 -25.57
C LYS A 359 -4.05 -7.36 -26.84
N GLN A 360 -5.28 -7.87 -27.00
CA GLN A 360 -6.10 -7.51 -28.14
C GLN A 360 -6.39 -6.02 -28.18
N GLU A 361 -6.86 -5.45 -27.07
CA GLU A 361 -7.14 -4.03 -27.10
C GLU A 361 -5.90 -3.19 -27.19
N TYR A 362 -4.79 -3.69 -26.67
CA TYR A 362 -3.54 -2.93 -26.75
C TYR A 362 -3.20 -2.79 -28.23
N ASP A 363 -3.32 -3.93 -28.93
CA ASP A 363 -3.01 -4.04 -30.35
C ASP A 363 -3.78 -3.06 -31.20
N GLU A 364 -5.04 -2.84 -30.87
CA GLU A 364 -5.88 -1.93 -31.62
C GLU A 364 -5.82 -0.47 -31.23
N SER A 365 -5.59 -0.18 -29.95
CA SER A 365 -5.57 1.19 -29.48
C SER A 365 -4.26 1.74 -28.96
N GLY A 366 -3.29 0.85 -28.75
CA GLY A 366 -1.97 1.28 -28.28
C GLY A 366 -1.88 1.57 -26.78
N PRO A 367 -0.72 2.08 -26.33
CA PRO A 367 -0.44 2.40 -24.91
C PRO A 367 -1.28 3.46 -24.21
N SER A 368 -1.81 4.39 -24.99
CA SER A 368 -2.59 5.51 -24.45
C SER A 368 -3.88 5.13 -23.77
N ILE A 369 -4.35 3.90 -23.99
CA ILE A 369 -5.59 3.43 -23.37
C ILE A 369 -5.40 3.11 -21.89
N VAL A 370 -4.14 3.01 -21.46
CA VAL A 370 -3.81 2.65 -20.09
C VAL A 370 -4.44 3.59 -19.05
N HIS A 371 -4.42 4.89 -19.32
CA HIS A 371 -4.95 5.88 -18.40
C HIS A 371 -6.41 5.66 -17.97
N HIS A 372 -7.33 5.65 -18.93
CA HIS A 372 -8.73 5.47 -18.55
C HIS A 372 -9.05 4.02 -18.20
N LYS A 373 -8.27 3.06 -18.72
CA LYS A 373 -8.50 1.68 -18.41
C LYS A 373 -8.21 1.38 -16.98
N CYS A 374 -7.24 2.09 -16.42
CA CYS A 374 -6.86 1.80 -15.06
C CYS A 374 -7.24 2.94 -14.16
N PHE A 375 -8.28 3.67 -14.54
CA PHE A 375 -8.73 4.80 -13.76
C PHE A 375 -9.24 4.30 -12.41
N MET B 1 -18.96 -1.59 -13.85
CA MET B 1 -19.46 -1.35 -15.23
C MET B 1 -18.89 -2.37 -16.25
N VAL B 2 -17.56 -2.58 -16.40
CA VAL B 2 -17.05 -3.64 -17.35
C VAL B 2 -17.16 -5.07 -16.74
N VAL B 3 -17.49 -5.09 -15.44
CA VAL B 3 -17.64 -6.28 -14.60
C VAL B 3 -18.72 -7.24 -15.06
N GLU B 4 -18.31 -8.50 -15.31
CA GLU B 4 -19.24 -9.55 -15.75
C GLU B 4 -19.33 -10.63 -14.65
N HIS B 5 -20.30 -10.47 -13.77
CA HIS B 5 -20.53 -11.40 -12.68
C HIS B 5 -22.02 -11.61 -12.52
N PRO B 6 -22.46 -12.88 -12.37
CA PRO B 6 -23.89 -13.17 -12.21
C PRO B 6 -24.56 -12.41 -11.08
N GLU B 7 -23.82 -12.14 -9.99
CA GLU B 7 -24.38 -11.44 -8.83
C GLU B 7 -24.48 -9.95 -9.09
N PHE B 8 -23.58 -9.42 -9.91
CA PHE B 8 -23.63 -7.99 -10.22
C PHE B 8 -24.86 -7.77 -11.09
N LEU B 9 -25.21 -8.78 -11.88
CA LEU B 9 -26.38 -8.69 -12.75
C LEU B 9 -27.67 -8.70 -11.92
N LYS B 10 -27.65 -9.34 -10.76
CA LYS B 10 -28.82 -9.40 -9.89
C LYS B 10 -28.94 -8.23 -8.90
N ALA B 11 -27.82 -7.60 -8.57
CA ALA B 11 -27.80 -6.51 -7.61
C ALA B 11 -28.64 -5.28 -7.90
N GLY B 12 -29.30 -4.78 -6.86
CA GLY B 12 -30.09 -3.57 -6.96
C GLY B 12 -31.14 -3.47 -8.05
N LYS B 13 -31.84 -4.55 -8.31
CA LYS B 13 -32.88 -4.59 -9.33
C LYS B 13 -34.25 -4.15 -8.81
N GLU B 14 -34.63 -4.68 -7.65
CA GLU B 14 -35.89 -4.35 -7.01
C GLU B 14 -35.61 -3.96 -5.57
N PRO B 15 -36.54 -3.20 -4.96
CA PRO B 15 -36.38 -2.77 -3.57
C PRO B 15 -36.30 -3.98 -2.65
N GLY B 16 -35.49 -3.86 -1.60
CA GLY B 16 -35.31 -4.95 -0.65
C GLY B 16 -33.86 -5.01 -0.18
N LEU B 17 -33.49 -6.16 0.40
CA LEU B 17 -32.14 -6.38 0.94
C LEU B 17 -31.48 -7.58 0.29
N GLN B 18 -30.19 -7.43 -0.01
CA GLN B 18 -29.41 -8.51 -0.63
C GLN B 18 -28.12 -8.63 0.14
N ILE B 19 -27.77 -9.87 0.45
CA ILE B 19 -26.57 -10.12 1.22
C ILE B 19 -25.71 -11.13 0.54
N TRP B 20 -24.41 -10.80 0.44
CA TRP B 20 -23.43 -11.69 -0.14
C TRP B 20 -22.30 -11.77 0.86
N ARG B 21 -21.65 -12.92 0.81
CA ARG B 21 -20.53 -13.23 1.68
C ARG B 21 -19.30 -13.32 0.80
N VAL B 22 -18.12 -13.01 1.35
CA VAL B 22 -16.90 -13.12 0.57
C VAL B 22 -16.38 -14.52 0.79
N GLU B 23 -16.22 -15.28 -0.28
CA GLU B 23 -15.72 -16.65 -0.13
C GLU B 23 -14.61 -16.87 -1.12
N LYS B 24 -13.38 -16.81 -0.60
CA LYS B 24 -12.17 -16.98 -1.39
C LYS B 24 -12.18 -16.21 -2.70
N PHE B 25 -12.10 -14.90 -2.57
CA PHE B 25 -12.06 -13.97 -3.69
C PHE B 25 -13.29 -13.89 -4.58
N ASP B 26 -14.39 -14.50 -4.15
CA ASP B 26 -15.64 -14.44 -4.89
C ASP B 26 -16.73 -13.83 -4.01
N LEU B 27 -17.78 -13.36 -4.66
CA LEU B 27 -18.92 -12.77 -3.98
C LEU B 27 -20.02 -13.81 -4.14
N VAL B 28 -20.37 -14.48 -3.04
CA VAL B 28 -21.38 -15.54 -3.05
C VAL B 28 -22.65 -15.14 -2.28
N PRO B 29 -23.83 -15.29 -2.89
CA PRO B 29 -25.09 -14.94 -2.22
C PRO B 29 -25.34 -15.75 -0.96
N VAL B 30 -25.96 -15.10 0.01
CA VAL B 30 -26.31 -15.77 1.25
C VAL B 30 -27.77 -16.17 1.12
N PRO B 31 -28.13 -17.40 1.53
CA PRO B 31 -29.53 -17.82 1.43
C PRO B 31 -30.43 -16.83 2.17
N THR B 32 -31.51 -16.41 1.53
CA THR B 32 -32.39 -15.41 2.14
C THR B 32 -32.91 -15.80 3.52
N ASN B 33 -32.92 -17.10 3.82
CA ASN B 33 -33.40 -17.57 5.12
C ASN B 33 -32.33 -17.41 6.19
N LEU B 34 -31.11 -17.10 5.78
CA LEU B 34 -30.03 -16.92 6.74
C LEU B 34 -29.64 -15.47 6.93
N TYR B 35 -30.36 -14.55 6.30
CA TYR B 35 -30.05 -13.13 6.42
C TYR B 35 -30.08 -12.73 7.89
N GLY B 36 -29.01 -12.09 8.36
CA GLY B 36 -28.97 -11.69 9.75
C GLY B 36 -27.99 -12.53 10.55
N ASP B 37 -27.63 -13.68 9.99
CA ASP B 37 -26.67 -14.61 10.60
C ASP B 37 -25.31 -14.21 10.03
N PHE B 38 -24.38 -13.83 10.89
CA PHE B 38 -23.07 -13.42 10.39
C PHE B 38 -21.92 -14.15 11.06
N PHE B 39 -21.08 -14.78 10.24
CA PHE B 39 -19.88 -15.51 10.72
C PHE B 39 -18.84 -14.46 11.08
N THR B 40 -18.41 -14.46 12.33
CA THR B 40 -17.42 -13.47 12.79
C THR B 40 -16.05 -13.69 12.16
N GLY B 41 -15.90 -14.80 11.47
CA GLY B 41 -14.65 -15.04 10.78
C GLY B 41 -14.75 -14.61 9.32
N ASP B 42 -15.92 -14.17 8.86
CA ASP B 42 -16.12 -13.75 7.46
C ASP B 42 -16.43 -12.26 7.23
N ALA B 43 -16.46 -11.87 5.96
CA ALA B 43 -16.79 -10.50 5.57
C ALA B 43 -17.95 -10.62 4.59
N TYR B 44 -18.87 -9.67 4.67
CA TYR B 44 -20.05 -9.68 3.83
C TYR B 44 -20.33 -8.34 3.16
N VAL B 45 -21.14 -8.39 2.11
CA VAL B 45 -21.55 -7.17 1.43
C VAL B 45 -23.07 -7.16 1.44
N ILE B 46 -23.63 -6.04 1.92
CA ILE B 46 -25.07 -5.87 2.05
C ILE B 46 -25.56 -4.72 1.21
N LEU B 47 -26.63 -4.94 0.45
CA LEU B 47 -27.18 -3.89 -0.38
C LEU B 47 -28.64 -3.68 -0.01
N LYS B 48 -28.97 -2.48 0.43
CA LYS B 48 -30.33 -2.12 0.76
C LYS B 48 -30.82 -1.27 -0.41
N THR B 49 -31.84 -1.75 -1.12
CA THR B 49 -32.37 -1.01 -2.26
C THR B 49 -33.74 -0.47 -1.91
N VAL B 50 -33.91 0.85 -2.11
CA VAL B 50 -35.16 1.52 -1.81
C VAL B 50 -35.70 2.28 -3.03
N GLN B 51 -37.01 2.22 -3.22
CA GLN B 51 -37.68 2.88 -4.34
C GLN B 51 -38.07 4.32 -4.03
N LEU B 52 -37.57 5.26 -4.83
CA LEU B 52 -37.88 6.68 -4.65
C LEU B 52 -39.16 7.10 -5.39
N ARG B 53 -39.81 8.18 -4.92
CA ARG B 53 -41.06 8.64 -5.55
C ARG B 53 -40.91 8.98 -7.01
N ASN B 54 -39.74 9.47 -7.41
CA ASN B 54 -39.46 9.84 -8.79
C ASN B 54 -39.18 8.65 -9.71
N GLY B 55 -39.21 7.44 -9.13
CA GLY B 55 -38.98 6.24 -9.91
C GLY B 55 -37.59 5.62 -9.80
N ASN B 56 -36.62 6.41 -9.38
CA ASN B 56 -35.24 5.94 -9.24
C ASN B 56 -35.11 4.99 -8.05
N LEU B 57 -33.96 4.32 -7.97
CA LEU B 57 -33.71 3.41 -6.85
C LEU B 57 -32.61 4.00 -5.98
N GLN B 58 -32.75 3.89 -4.67
CA GLN B 58 -31.75 4.40 -3.74
C GLN B 58 -31.00 3.22 -3.13
N TYR B 59 -29.68 3.34 -3.08
CA TYR B 59 -28.83 2.27 -2.58
C TYR B 59 -27.97 2.65 -1.39
N ASP B 60 -27.78 1.67 -0.50
CA ASP B 60 -26.89 1.80 0.64
C ASP B 60 -26.11 0.51 0.67
N LEU B 61 -24.80 0.63 0.46
CA LEU B 61 -23.92 -0.52 0.44
C LEU B 61 -23.17 -0.60 1.74
N HIS B 62 -23.38 -1.70 2.46
CA HIS B 62 -22.71 -1.88 3.72
C HIS B 62 -21.76 -3.08 3.62
N TYR B 63 -20.48 -2.91 3.90
CA TYR B 63 -19.62 -4.09 3.90
C TYR B 63 -19.33 -4.37 5.37
N TRP B 64 -19.75 -5.56 5.81
CA TRP B 64 -19.59 -5.97 7.19
C TRP B 64 -18.36 -6.84 7.38
N LEU B 65 -17.50 -6.41 8.31
CA LEU B 65 -16.25 -7.08 8.65
C LEU B 65 -16.30 -7.80 9.99
N GLY B 66 -16.27 -9.14 9.94
CA GLY B 66 -16.28 -9.94 11.15
C GLY B 66 -14.95 -9.74 11.87
N ASN B 67 -14.99 -9.81 13.19
CA ASN B 67 -13.82 -9.63 14.07
C ASN B 67 -12.62 -10.51 13.72
N GLU B 68 -12.89 -11.73 13.22
CA GLU B 68 -11.79 -12.62 12.88
C GLU B 68 -11.68 -12.94 11.39
N CYS B 69 -12.15 -12.05 10.51
CA CYS B 69 -12.05 -12.32 9.08
C CYS B 69 -10.63 -11.99 8.62
N SER B 70 -10.12 -12.74 7.65
CA SER B 70 -8.77 -12.52 7.16
C SER B 70 -8.65 -11.34 6.23
N GLN B 71 -7.41 -10.91 6.01
CA GLN B 71 -7.14 -9.77 5.17
C GLN B 71 -7.73 -9.86 3.75
N ASP B 72 -7.69 -11.05 3.16
CA ASP B 72 -8.24 -11.22 1.81
C ASP B 72 -9.76 -10.99 1.82
N GLU B 73 -10.42 -11.33 2.93
CA GLU B 73 -11.87 -11.16 3.01
C GLU B 73 -12.29 -9.72 3.24
N SER B 74 -11.65 -9.05 4.19
CA SER B 74 -11.99 -7.66 4.46
C SER B 74 -11.56 -6.83 3.24
N GLY B 75 -10.41 -7.17 2.67
CA GLY B 75 -9.91 -6.48 1.49
C GLY B 75 -10.88 -6.65 0.33
N ALA B 76 -11.30 -7.89 0.07
CA ALA B 76 -12.23 -8.18 -1.01
C ALA B 76 -13.58 -7.50 -0.85
N ALA B 77 -14.09 -7.49 0.38
CA ALA B 77 -15.40 -6.86 0.66
C ALA B 77 -15.40 -5.36 0.31
N ALA B 78 -14.29 -4.70 0.62
CA ALA B 78 -14.13 -3.28 0.34
C ALA B 78 -14.16 -3.01 -1.18
N ILE B 79 -13.35 -3.78 -1.90
CA ILE B 79 -13.22 -3.67 -3.35
C ILE B 79 -14.54 -4.01 -4.04
N PHE B 80 -15.17 -5.10 -3.60
CA PHE B 80 -16.47 -5.49 -4.16
C PHE B 80 -17.49 -4.35 -3.97
N THR B 81 -17.41 -3.66 -2.84
CA THR B 81 -18.31 -2.56 -2.52
C THR B 81 -18.10 -1.39 -3.49
N VAL B 82 -16.84 -1.14 -3.83
CA VAL B 82 -16.50 -0.08 -4.77
C VAL B 82 -16.94 -0.49 -6.19
N GLN B 83 -16.76 -1.77 -6.52
CA GLN B 83 -17.17 -2.29 -7.83
C GLN B 83 -18.70 -2.29 -7.99
N LEU B 84 -19.42 -2.71 -6.94
CA LEU B 84 -20.88 -2.74 -6.97
C LEU B 84 -21.40 -1.32 -7.14
N ASP B 85 -20.78 -0.38 -6.42
CA ASP B 85 -21.17 1.02 -6.48
C ASP B 85 -21.03 1.51 -7.93
N ASP B 86 -19.84 1.31 -8.50
CA ASP B 86 -19.54 1.70 -9.88
C ASP B 86 -20.51 1.09 -10.89
N TYR B 87 -20.80 -0.20 -10.69
CA TYR B 87 -21.70 -0.95 -11.55
C TYR B 87 -23.10 -0.36 -11.50
N LEU B 88 -23.49 0.11 -10.32
CA LEU B 88 -24.80 0.71 -10.12
C LEU B 88 -24.74 2.22 -10.41
N ASN B 89 -23.76 2.61 -11.21
CA ASN B 89 -23.56 4.01 -11.63
C ASN B 89 -23.24 4.97 -10.49
N GLY B 90 -22.90 4.42 -9.34
CA GLY B 90 -22.54 5.22 -8.18
C GLY B 90 -23.64 5.95 -7.43
N ARG B 91 -24.85 5.39 -7.41
CA ARG B 91 -25.99 5.99 -6.71
C ARG B 91 -26.11 5.41 -5.30
N ALA B 92 -25.02 4.81 -4.84
CA ALA B 92 -25.02 4.18 -3.54
C ALA B 92 -24.12 4.86 -2.56
N VAL B 93 -24.49 4.77 -1.30
CA VAL B 93 -23.69 5.30 -0.22
C VAL B 93 -23.01 4.07 0.36
N GLN B 94 -21.70 4.16 0.56
CA GLN B 94 -20.90 3.07 1.10
C GLN B 94 -20.70 3.22 2.60
N HIS B 95 -20.98 2.15 3.33
CA HIS B 95 -20.86 2.13 4.79
C HIS B 95 -20.00 0.95 5.20
N ARG B 96 -18.99 1.23 6.01
CA ARG B 96 -18.10 0.20 6.51
C ARG B 96 -18.69 -0.20 7.86
N GLU B 97 -19.07 -1.46 8.00
CA GLU B 97 -19.67 -1.95 9.23
C GLU B 97 -18.79 -2.98 9.91
N VAL B 98 -18.19 -2.60 11.03
CA VAL B 98 -17.31 -3.48 11.79
C VAL B 98 -18.05 -4.21 12.90
N GLN B 99 -17.86 -5.52 13.02
CA GLN B 99 -18.51 -6.29 14.06
C GLN B 99 -18.36 -5.54 15.38
N GLY B 100 -19.48 -5.30 16.05
CA GLY B 100 -19.46 -4.59 17.31
C GLY B 100 -19.63 -3.08 17.23
N PHE B 101 -19.52 -2.51 16.03
CA PHE B 101 -19.67 -1.08 15.88
C PHE B 101 -20.65 -0.78 14.76
N GLU B 102 -21.57 -1.72 14.51
CA GLU B 102 -22.55 -1.55 13.43
C GLU B 102 -23.43 -0.31 13.61
N SER B 103 -23.76 0.30 12.47
CA SER B 103 -24.58 1.50 12.44
C SER B 103 -25.99 1.13 12.78
N ALA B 104 -26.72 2.10 13.33
CA ALA B 104 -28.12 1.89 13.68
C ALA B 104 -28.90 1.61 12.42
N THR B 105 -28.50 2.23 11.31
CA THR B 105 -29.17 2.01 10.03
C THR B 105 -29.04 0.54 9.62
N PHE B 106 -27.81 0.02 9.61
CA PHE B 106 -27.54 -1.38 9.27
C PHE B 106 -28.32 -2.32 10.19
N LEU B 107 -28.26 -2.06 11.50
CA LEU B 107 -28.99 -2.89 12.47
C LEU B 107 -30.48 -2.81 12.17
N GLY B 108 -30.90 -1.65 11.69
CA GLY B 108 -32.31 -1.46 11.37
C GLY B 108 -32.81 -2.37 10.28
N TYR B 109 -31.89 -2.96 9.51
CA TYR B 109 -32.32 -3.84 8.42
C TYR B 109 -32.72 -5.20 8.96
N PHE B 110 -32.36 -5.46 10.21
CA PHE B 110 -32.64 -6.77 10.79
C PHE B 110 -33.61 -6.72 11.97
N LYS B 111 -34.87 -7.03 11.68
CA LYS B 111 -35.95 -6.99 12.67
C LYS B 111 -35.74 -7.87 13.90
N SER B 112 -35.00 -8.95 13.77
CA SER B 112 -34.76 -9.84 14.90
C SER B 112 -33.31 -9.74 15.32
N GLY B 113 -32.65 -8.67 14.92
CA GLY B 113 -31.25 -8.50 15.28
C GLY B 113 -30.29 -9.34 14.47
N LEU B 114 -29.01 -9.33 14.86
CA LEU B 114 -27.99 -10.11 14.18
C LEU B 114 -27.62 -11.36 14.96
N LYS B 115 -27.33 -12.43 14.25
CA LYS B 115 -26.92 -13.65 14.93
C LYS B 115 -25.45 -13.86 14.60
N TYR B 116 -24.55 -13.55 15.55
CA TYR B 116 -23.12 -13.75 15.33
C TYR B 116 -22.86 -15.25 15.41
N LYS B 117 -21.94 -15.72 14.58
CA LYS B 117 -21.58 -17.12 14.52
C LYS B 117 -20.06 -17.20 14.50
N LYS B 118 -19.48 -18.00 15.39
CA LYS B 118 -18.04 -18.15 15.41
C LYS B 118 -17.59 -18.98 14.22
N GLY B 119 -16.50 -18.58 13.60
CA GLY B 119 -16.00 -19.33 12.44
C GLY B 119 -16.28 -18.67 11.10
N GLY B 120 -16.31 -19.49 10.06
CA GLY B 120 -16.57 -18.98 8.72
C GLY B 120 -15.77 -19.74 7.67
N VAL B 121 -15.85 -19.29 6.42
CA VAL B 121 -15.14 -19.94 5.33
C VAL B 121 -13.66 -19.60 5.44
N ALA B 122 -12.78 -20.52 5.06
CA ALA B 122 -11.34 -20.29 5.16
C ALA B 122 -10.82 -19.18 4.25
N SER B 123 -9.70 -18.58 4.64
CA SER B 123 -9.11 -17.51 3.86
C SER B 123 -8.84 -18.00 2.43
N GLY B 124 -8.79 -17.07 1.50
CA GLY B 124 -8.52 -17.42 0.13
C GLY B 124 -7.03 -17.39 -0.18
N PHE B 125 -6.21 -16.89 0.75
CA PHE B 125 -4.76 -16.80 0.55
C PHE B 125 -4.13 -18.21 0.50
MG MG C . 6.64 1.82 -2.05
S SO4 D . 31.67 -1.29 0.63
O1 SO4 D . 31.11 -2.11 -0.90
O2 SO4 D . 30.36 -2.30 1.59
O3 SO4 D . 33.47 -0.99 1.18
O4 SO4 D . 31.57 0.46 0.14
PG ATP E . 9.01 4.27 -2.60
O1G ATP E . 7.58 3.91 -2.41
O2G ATP E . 9.22 3.91 -4.07
O3G ATP E . 9.50 5.62 -2.29
PB ATP E . 9.92 1.66 -1.56
O1B ATP E . 8.78 0.89 -2.06
O2B ATP E . 11.04 0.93 -2.14
O3B ATP E . 9.95 3.23 -1.80
PA ATP E . 9.48 0.70 1.19
O1A ATP E . 8.09 0.99 1.64
O2A ATP E . 9.66 -0.72 0.77
O3A ATP E . 9.94 1.71 0.05
O5' ATP E . 10.49 1.12 2.31
C5' ATP E . 11.94 0.99 2.35
C4' ATP E . 12.48 1.99 3.36
O4' ATP E . 11.87 1.69 4.64
C3' ATP E . 14.00 1.97 3.53
O3' ATP E . 14.56 3.30 3.69
C2' ATP E . 14.14 1.16 4.81
O2' ATP E . 15.32 1.47 5.55
C1' ATP E . 12.85 1.50 5.62
N9 ATP E . 12.45 0.51 6.66
C8 ATP E . 12.19 -0.82 6.52
N7 ATP E . 11.86 -1.38 7.68
C5 ATP E . 11.91 -0.36 8.61
C6 ATP E . 11.68 -0.28 10.01
N6 ATP E . 11.33 -1.33 10.78
N1 ATP E . 11.81 0.91 10.67
C2 ATP E . 12.18 2.03 9.92
N3 ATP E . 12.42 2.06 8.62
C4 ATP E . 12.27 0.83 8.00
CA CA F . -13.26 -16.40 6.95
#